data_7WDN
#
_entry.id   7WDN
#
_cell.length_a   202.488
_cell.length_b   202.488
_cell.length_c   202.488
_cell.angle_alpha   90.00
_cell.angle_beta   90.00
_cell.angle_gamma   90.00
#
_symmetry.space_group_name_H-M   'I 4 3 2'
#
loop_
_entity.id
_entity.type
_entity.pdbx_description
1 polymer beta-glucosidase
2 non-polymer alpha-D-glucopyranose
3 water water
#
_entity_poly.entity_id   1
_entity_poly.type   'polypeptide(L)'
_entity_poly.pdbx_seq_one_letter_code
;MVSTQNEPHRFPPDFQWGVATSSYQIEGAVEADGRSPSIWDTFCARPGAIADGSTGAIANDHYHRYREDIAIMKQLGVNA
YRFSIAWPRILPDGRGRVNQAGVDFYERLVDSLLEQGIEPYATLYHWDMPQVQHDRTPWYDRGVVDAFVEYTDVITRRLS
DRVKYWMTLNEPWVISFLGYGAGEHAPGLRDKELYLRAAHHVLLAHGKAMPVIRANGNAQTKAGIVLNLNWVNAASDSPE
DQAAARRYDQFFNRWFAEPLYNGRYPEELLEWYGRDLVPVQPGDFDIITTPTDFLAVNYYARTTVKAGSTDPMLQVDFVR
PPGEYTAMDWEVYPQGLYNILNWLHTDYAPPALYVTENGAAYDDQVSAAGEVDDPQRLAYLEGHFEAAYRAIQAGIPLKG
YFVWSLMDNFEWGRGFEKRFGIVFVDYATQQRIIKRSGKWFSQVTRANGLPAPQTTL
;
_entity_poly.pdbx_strand_id   A
#
# COMPACT_ATOMS: atom_id res chain seq x y z
N GLU A 7 0.81 30.28 -6.54
CA GLU A 7 1.61 30.29 -5.28
C GLU A 7 2.81 29.39 -5.45
N PRO A 8 2.63 28.13 -5.93
CA PRO A 8 3.70 27.12 -6.04
C PRO A 8 4.51 27.02 -7.34
N HIS A 9 5.18 25.87 -7.53
CA HIS A 9 6.15 25.65 -8.61
C HIS A 9 6.90 24.34 -8.31
N ARG A 10 8.21 24.43 -8.03
CA ARG A 10 9.17 23.36 -8.31
C ARG A 10 9.48 22.58 -7.03
N PHE A 11 9.51 21.24 -7.15
CA PHE A 11 9.89 20.30 -6.09
C PHE A 11 11.41 20.25 -5.99
N PRO A 12 11.99 19.63 -4.94
CA PRO A 12 13.43 19.52 -4.86
C PRO A 12 13.99 18.83 -6.08
N PRO A 13 15.24 19.14 -6.45
CA PRO A 13 15.82 18.60 -7.67
C PRO A 13 15.86 17.08 -7.71
N ASP A 14 16.06 16.39 -6.59
CA ASP A 14 16.18 14.92 -6.62
C ASP A 14 14.83 14.24 -6.32
N PHE A 15 13.70 14.96 -6.40
CA PHE A 15 12.41 14.41 -5.98
C PHE A 15 12.03 13.21 -6.86
N GLN A 16 11.47 12.15 -6.27
CA GLN A 16 11.12 10.91 -6.98
C GLN A 16 9.64 10.96 -7.29
N TRP A 17 9.32 11.02 -8.58
CA TRP A 17 7.93 10.99 -9.07
C TRP A 17 7.71 9.57 -9.53
N GLY A 18 6.73 8.90 -8.96
CA GLY A 18 6.48 7.53 -9.40
C GLY A 18 5.03 7.19 -9.62
N VAL A 19 4.84 5.94 -10.00
CA VAL A 19 3.53 5.27 -10.02
C VAL A 19 3.71 3.97 -9.25
N ALA A 20 2.60 3.43 -8.73
CA ALA A 20 2.58 2.25 -7.87
C ALA A 20 1.58 1.23 -8.40
N THR A 21 1.95 -0.04 -8.19
CA THR A 21 1.14 -1.24 -8.44
C THR A 21 1.39 -2.26 -7.31
N SER A 22 0.68 -3.39 -7.37
CA SER A 22 0.95 -4.59 -6.55
C SER A 22 0.82 -5.81 -7.47
N SER A 23 1.52 -6.89 -7.09
CA SER A 23 1.62 -8.12 -7.93
C SER A 23 0.25 -8.71 -8.24
N TYR A 24 -0.57 -9.03 -7.23
CA TYR A 24 -1.83 -9.71 -7.52
C TYR A 24 -2.75 -8.78 -8.31
N GLN A 25 -2.65 -7.47 -8.13
CA GLN A 25 -3.60 -6.55 -8.77
C GLN A 25 -3.34 -6.45 -10.28
N ILE A 26 -2.09 -6.65 -10.78
CA ILE A 26 -1.73 -6.39 -12.20
C ILE A 26 -1.20 -7.63 -12.93
N GLU A 27 -0.56 -8.59 -12.24
CA GLU A 27 0.30 -9.54 -12.97
C GLU A 27 -0.51 -10.55 -13.78
N GLY A 28 -1.57 -11.12 -13.21
CA GLY A 28 -2.24 -12.25 -13.86
C GLY A 28 -1.29 -13.45 -13.92
N ALA A 29 -1.51 -14.29 -14.93
CA ALA A 29 -0.68 -15.49 -15.17
C ALA A 29 -0.51 -16.22 -13.84
N VAL A 30 -1.64 -16.50 -13.19
CA VAL A 30 -1.65 -17.00 -11.80
C VAL A 30 -1.15 -18.45 -11.69
N GLU A 31 -1.17 -19.21 -12.79
CA GLU A 31 -0.59 -20.56 -12.79
C GLU A 31 0.78 -20.58 -13.49
N ALA A 32 1.25 -19.47 -14.08
CA ALA A 32 2.42 -19.51 -14.96
C ALA A 32 3.67 -19.87 -14.16
N ASP A 33 4.57 -20.69 -14.75
CA ASP A 33 5.97 -20.73 -14.31
C ASP A 33 6.09 -21.03 -12.82
N GLY A 34 5.32 -21.97 -12.32
CA GLY A 34 5.52 -22.50 -10.97
C GLY A 34 4.80 -21.71 -9.87
N ARG A 35 4.08 -20.64 -10.18
CA ARG A 35 3.33 -19.89 -9.16
C ARG A 35 2.26 -20.79 -8.54
N SER A 36 2.16 -20.74 -7.20
CA SER A 36 1.12 -21.44 -6.42
C SER A 36 0.03 -20.45 -6.06
N PRO A 37 -1.18 -20.92 -5.70
CA PRO A 37 -2.26 -20.01 -5.30
C PRO A 37 -1.89 -19.20 -4.07
N SER A 38 -2.18 -17.88 -4.14
CA SER A 38 -2.15 -16.97 -2.98
C SER A 38 -3.48 -17.09 -2.23
N ILE A 39 -3.50 -16.52 -1.01
CA ILE A 39 -4.75 -16.43 -0.24
C ILE A 39 -5.78 -15.61 -1.02
N TRP A 40 -5.37 -14.78 -2.00
CA TRP A 40 -6.36 -14.03 -2.80
C TRP A 40 -6.97 -14.89 -3.90
N ASP A 41 -6.19 -15.78 -4.50
CA ASP A 41 -6.77 -16.69 -5.51
C ASP A 41 -7.90 -17.51 -4.85
N THR A 42 -7.68 -17.95 -3.61
CA THR A 42 -8.69 -18.73 -2.87
C THR A 42 -9.86 -17.81 -2.45
N PHE A 43 -9.62 -16.63 -1.87
CA PHE A 43 -10.68 -15.69 -1.42
C PHE A 43 -11.64 -15.29 -2.54
N CYS A 44 -11.12 -15.06 -3.77
CA CYS A 44 -11.96 -14.64 -4.91
C CYS A 44 -13.02 -15.69 -5.25
N ALA A 45 -12.86 -16.96 -4.82
CA ALA A 45 -13.87 -18.02 -5.01
C ALA A 45 -15.05 -17.83 -4.04
N ARG A 46 -14.90 -17.04 -2.99
CA ARG A 46 -15.96 -16.95 -1.98
C ARG A 46 -17.07 -16.05 -2.55
N PRO A 47 -18.35 -16.51 -2.57
CA PRO A 47 -19.46 -15.69 -3.04
C PRO A 47 -19.60 -14.47 -2.13
N GLY A 48 -19.84 -13.29 -2.71
CA GLY A 48 -19.89 -12.04 -1.95
C GLY A 48 -18.54 -11.39 -1.64
N ALA A 49 -17.38 -12.01 -1.87
CA ALA A 49 -16.07 -11.44 -1.50
C ALA A 49 -15.72 -10.29 -2.43
N ILE A 50 -16.01 -10.43 -3.73
CA ILE A 50 -15.62 -9.45 -4.76
C ILE A 50 -16.90 -8.94 -5.42
N ALA A 51 -17.10 -7.62 -5.43
CA ALA A 51 -18.41 -7.02 -5.73
C ALA A 51 -18.86 -7.42 -7.11
N ASP A 52 -17.96 -7.58 -8.07
CA ASP A 52 -18.36 -7.87 -9.45
C ASP A 52 -18.11 -9.33 -9.75
N GLY A 53 -17.69 -10.15 -8.79
CA GLY A 53 -17.57 -11.58 -9.05
C GLY A 53 -16.32 -11.91 -9.84
N SER A 54 -15.36 -11.00 -9.92
CA SER A 54 -14.15 -11.20 -10.72
C SER A 54 -13.05 -11.83 -9.87
N THR A 55 -11.91 -12.16 -10.49
CA THR A 55 -10.71 -12.64 -9.77
C THR A 55 -9.50 -11.93 -10.36
N GLY A 56 -8.31 -12.12 -9.77
CA GLY A 56 -7.08 -11.58 -10.35
C GLY A 56 -6.41 -12.56 -11.31
N ALA A 57 -7.15 -13.51 -11.90
CA ALA A 57 -6.51 -14.58 -12.74
C ALA A 57 -5.75 -13.97 -13.94
N ILE A 58 -6.37 -13.00 -14.60
CA ILE A 58 -5.79 -12.34 -15.79
C ILE A 58 -5.30 -10.94 -15.42
N ALA A 59 -6.16 -10.18 -14.75
CA ALA A 59 -5.83 -8.81 -14.31
C ALA A 59 -5.39 -7.98 -15.53
N ASN A 60 -4.24 -7.30 -15.46
CA ASN A 60 -3.65 -6.49 -16.55
C ASN A 60 -2.68 -7.34 -17.40
N ASP A 61 -2.55 -8.64 -17.11
CA ASP A 61 -1.54 -9.49 -17.76
C ASP A 61 -0.14 -8.84 -17.77
N HIS A 62 0.24 -8.13 -16.70
CA HIS A 62 1.55 -7.47 -16.64
C HIS A 62 2.70 -8.49 -16.65
N TYR A 63 2.44 -9.72 -16.24
CA TYR A 63 3.43 -10.81 -16.26
C TYR A 63 4.01 -10.93 -17.68
N HIS A 64 3.14 -10.89 -18.66
CA HIS A 64 3.53 -10.98 -20.04
C HIS A 64 3.78 -9.58 -20.62
N ARG A 65 3.06 -8.55 -20.18
CA ARG A 65 3.17 -7.21 -20.84
C ARG A 65 4.07 -6.17 -20.13
N TYR A 66 4.90 -6.54 -19.15
CA TYR A 66 5.70 -5.59 -18.34
C TYR A 66 6.54 -4.65 -19.22
N ARG A 67 7.10 -5.11 -20.35
CA ARG A 67 7.99 -4.26 -21.18
C ARG A 67 7.21 -3.05 -21.72
N GLU A 68 6.01 -3.31 -22.22
CA GLU A 68 5.04 -2.32 -22.70
C GLU A 68 4.67 -1.37 -21.57
N ASP A 69 4.48 -1.90 -20.35
CA ASP A 69 4.05 -1.06 -19.23
C ASP A 69 5.21 -0.14 -18.84
N ILE A 70 6.45 -0.64 -18.95
CA ILE A 70 7.64 0.19 -18.68
C ILE A 70 7.71 1.30 -19.73
N ALA A 71 7.40 1.02 -20.98
CA ALA A 71 7.46 2.06 -22.01
C ALA A 71 6.41 3.11 -21.70
N ILE A 72 5.24 2.72 -21.16
CA ILE A 72 4.20 3.68 -20.73
C ILE A 72 4.76 4.52 -19.59
N MET A 73 5.48 3.89 -18.63
CA MET A 73 6.09 4.63 -17.52
C MET A 73 7.03 5.69 -18.09
N LYS A 74 7.75 5.36 -19.18
CA LYS A 74 8.70 6.29 -19.82
C LYS A 74 7.93 7.47 -20.42
N GLN A 75 6.80 7.20 -21.08
CA GLN A 75 5.88 8.25 -21.56
C GLN A 75 5.41 9.12 -20.40
N LEU A 76 5.17 8.58 -19.21
CA LEU A 76 4.70 9.37 -18.07
C LEU A 76 5.83 10.21 -17.44
N GLY A 77 7.09 9.89 -17.72
CA GLY A 77 8.27 10.64 -17.27
C GLY A 77 8.64 10.28 -15.84
N VAL A 78 8.14 9.16 -15.30
CA VAL A 78 8.43 8.81 -13.89
C VAL A 78 9.91 8.50 -13.78
N ASN A 79 10.51 8.83 -12.65
CA ASN A 79 11.89 8.38 -12.40
C ASN A 79 11.91 7.25 -11.34
N ALA A 80 10.76 6.78 -10.88
CA ALA A 80 10.65 5.72 -9.88
C ALA A 80 9.40 4.86 -10.13
N TYR A 81 9.48 3.59 -9.73
CA TYR A 81 8.33 2.69 -9.91
C TYR A 81 8.22 1.79 -8.68
N ARG A 82 7.06 1.84 -8.03
CA ARG A 82 6.76 0.99 -6.86
C ARG A 82 5.90 -0.19 -7.30
N PHE A 83 6.40 -1.40 -7.03
CA PHE A 83 5.76 -2.67 -7.36
C PHE A 83 5.94 -3.59 -6.17
N SER A 84 5.18 -4.69 -6.15
CA SER A 84 5.36 -5.73 -5.13
C SER A 84 5.82 -7.03 -5.81
N ILE A 85 6.49 -7.86 -5.01
CA ILE A 85 6.95 -9.20 -5.40
C ILE A 85 6.00 -10.22 -4.79
N ALA A 86 5.60 -11.16 -5.62
CA ALA A 86 4.66 -12.22 -5.30
C ALA A 86 5.43 -13.38 -4.67
N TRP A 87 5.30 -13.50 -3.36
CA TRP A 87 5.86 -14.64 -2.57
C TRP A 87 5.53 -15.99 -3.21
N PRO A 88 4.29 -16.22 -3.70
CA PRO A 88 3.93 -17.46 -4.37
C PRO A 88 4.71 -17.78 -5.66
N ARG A 89 5.36 -16.80 -6.29
CA ARG A 89 6.20 -17.02 -7.48
C ARG A 89 7.62 -17.40 -7.05
N ILE A 90 8.06 -16.87 -5.92
CA ILE A 90 9.44 -17.02 -5.41
C ILE A 90 9.57 -18.33 -4.63
N LEU A 91 8.68 -18.54 -3.65
CA LEU A 91 8.65 -19.77 -2.82
C LEU A 91 7.25 -20.35 -2.89
N PRO A 92 6.89 -21.09 -3.95
CA PRO A 92 5.53 -21.59 -4.13
C PRO A 92 5.06 -22.57 -3.05
N ASP A 93 5.97 -23.24 -2.34
CA ASP A 93 5.59 -24.13 -1.22
C ASP A 93 5.63 -23.33 0.08
N GLY A 94 5.82 -21.99 0.01
CA GLY A 94 5.84 -21.08 1.16
C GLY A 94 7.25 -20.87 1.71
N ARG A 95 7.95 -21.99 1.93
CA ARG A 95 9.36 -22.01 2.28
C ARG A 95 10.06 -23.07 1.43
N GLY A 96 11.38 -23.19 1.60
CA GLY A 96 12.16 -24.26 0.98
C GLY A 96 12.56 -23.89 -0.43
N ARG A 97 12.04 -24.63 -1.43
CA ARG A 97 12.59 -24.63 -2.80
C ARG A 97 12.23 -23.32 -3.49
N VAL A 98 13.28 -22.57 -3.87
CA VAL A 98 13.18 -21.34 -4.68
C VAL A 98 12.73 -21.72 -6.08
N ASN A 99 11.77 -20.98 -6.60
CA ASN A 99 11.28 -21.18 -7.97
C ASN A 99 12.09 -20.23 -8.85
N GLN A 100 13.16 -20.71 -9.46
CA GLN A 100 14.05 -19.88 -10.30
C GLN A 100 13.26 -19.05 -11.33
N ALA A 101 12.24 -19.62 -11.96
CA ALA A 101 11.47 -18.94 -13.02
C ALA A 101 10.72 -17.74 -12.42
N GLY A 102 10.33 -17.83 -11.15
CA GLY A 102 9.68 -16.69 -10.49
C GLY A 102 10.69 -15.59 -10.22
N VAL A 103 11.85 -15.95 -9.70
CA VAL A 103 12.96 -14.99 -9.53
C VAL A 103 13.28 -14.32 -10.89
N ASP A 104 13.35 -15.12 -11.97
CA ASP A 104 13.75 -14.64 -13.31
C ASP A 104 12.83 -13.49 -13.75
N PHE A 105 11.52 -13.60 -13.46
CA PHE A 105 10.56 -12.56 -13.83
C PHE A 105 10.94 -11.24 -13.18
N TYR A 106 11.20 -11.21 -11.85
CA TYR A 106 11.58 -9.96 -11.15
C TYR A 106 12.97 -9.48 -11.56
N GLU A 107 13.88 -10.40 -11.94
CA GLU A 107 15.20 -10.00 -12.50
C GLU A 107 15.02 -9.25 -13.84
N ARG A 108 14.21 -9.80 -14.76
CA ARG A 108 13.86 -9.17 -16.05
C ARG A 108 13.15 -7.82 -15.81
N LEU A 109 12.26 -7.76 -14.82
CA LEU A 109 11.51 -6.52 -14.53
C LEU A 109 12.49 -5.43 -14.08
N VAL A 110 13.32 -5.73 -13.08
CA VAL A 110 14.29 -4.79 -12.47
C VAL A 110 15.34 -4.37 -13.51
N ASP A 111 15.83 -5.28 -14.35
CA ASP A 111 16.79 -4.95 -15.42
C ASP A 111 16.14 -3.97 -16.41
N SER A 112 14.91 -4.24 -16.87
CA SER A 112 14.19 -3.39 -17.84
C SER A 112 13.92 -2.00 -17.26
N LEU A 113 13.55 -1.92 -15.97
CA LEU A 113 13.39 -0.64 -15.30
C LEU A 113 14.72 0.10 -15.30
N LEU A 114 15.80 -0.54 -14.85
CA LEU A 114 17.06 0.23 -14.66
C LEU A 114 17.62 0.64 -16.02
N GLU A 115 17.46 -0.19 -17.04
CA GLU A 115 17.91 0.07 -18.42
C GLU A 115 17.16 1.29 -18.98
N GLN A 116 15.96 1.55 -18.46
CA GLN A 116 15.13 2.69 -18.91
C GLN A 116 15.27 3.87 -17.95
N GLY A 117 16.18 3.81 -16.97
CA GLY A 117 16.40 4.90 -16.02
C GLY A 117 15.29 5.01 -14.97
N ILE A 118 14.57 3.94 -14.64
CA ILE A 118 13.53 4.06 -13.61
C ILE A 118 13.99 3.35 -12.34
N GLU A 119 14.01 4.04 -11.20
CA GLU A 119 14.49 3.47 -9.93
C GLU A 119 13.43 2.53 -9.35
N PRO A 120 13.75 1.25 -9.08
CA PRO A 120 12.78 0.31 -8.50
C PRO A 120 12.62 0.46 -6.99
N TYR A 121 11.36 0.53 -6.57
CA TYR A 121 10.98 0.55 -5.15
C TYR A 121 10.16 -0.71 -4.91
N ALA A 122 10.79 -1.73 -4.28
CA ALA A 122 10.17 -3.06 -4.16
C ALA A 122 9.50 -3.26 -2.79
N THR A 123 8.18 -3.55 -2.81
CA THR A 123 7.36 -3.98 -1.67
C THR A 123 7.46 -5.52 -1.52
N LEU A 124 7.91 -6.03 -0.37
CA LEU A 124 8.04 -7.50 -0.23
C LEU A 124 6.66 -8.20 -0.07
N TYR A 125 5.76 -7.62 0.73
CA TYR A 125 4.46 -8.21 1.03
C TYR A 125 3.36 -7.20 0.74
N HIS A 126 2.63 -7.44 -0.34
CA HIS A 126 1.39 -6.70 -0.65
C HIS A 126 0.23 -7.70 -0.76
N TRP A 127 0.08 -8.55 0.27
CA TRP A 127 -1.15 -9.23 0.69
C TRP A 127 -1.34 -10.61 0.07
N ASP A 128 -0.38 -11.10 -0.71
CA ASP A 128 -0.53 -12.31 -1.53
C ASP A 128 0.32 -13.43 -0.95
N MET A 129 0.12 -13.77 0.34
CA MET A 129 0.73 -14.94 0.95
C MET A 129 0.31 -16.18 0.18
N PRO A 130 1.27 -17.11 -0.09
CA PRO A 130 0.90 -18.40 -0.65
C PRO A 130 -0.11 -19.12 0.24
N GLN A 131 -1.16 -19.69 -0.36
CA GLN A 131 -2.19 -20.39 0.41
C GLN A 131 -1.54 -21.48 1.26
N VAL A 132 -0.56 -22.21 0.70
CA VAL A 132 0.01 -23.36 1.42
C VAL A 132 0.74 -22.83 2.66
N GLN A 133 1.32 -21.62 2.59
CA GLN A 133 2.00 -21.05 3.77
C GLN A 133 0.97 -20.56 4.77
N HIS A 134 -0.17 -20.02 4.31
CA HIS A 134 -1.20 -19.51 5.22
C HIS A 134 -1.78 -20.68 6.03
N ASP A 135 -1.84 -21.84 5.39
CA ASP A 135 -2.42 -23.04 5.99
C ASP A 135 -1.55 -23.49 7.17
N ARG A 136 -0.25 -23.18 7.12
CA ARG A 136 0.74 -23.44 8.18
C ARG A 136 0.84 -22.29 9.18
N THR A 137 0.94 -21.04 8.72
CA THR A 137 1.18 -19.87 9.57
C THR A 137 0.34 -18.70 9.09
N PRO A 138 -0.96 -18.63 9.48
CA PRO A 138 -1.72 -17.39 9.30
C PRO A 138 -1.02 -16.26 10.04
N TRP A 139 -1.38 -15.01 9.73
CA TRP A 139 -0.76 -13.86 10.41
C TRP A 139 -0.98 -13.94 11.92
N TYR A 140 -2.03 -14.58 12.38
CA TYR A 140 -2.30 -14.61 13.83
C TYR A 140 -1.41 -15.63 14.54
N ASP A 141 -0.57 -16.36 13.78
CA ASP A 141 0.33 -17.40 14.30
C ASP A 141 1.75 -16.86 14.24
N ARG A 142 2.40 -16.82 15.40
CA ARG A 142 3.71 -16.18 15.53
C ARG A 142 4.74 -16.83 14.58
N GLY A 143 4.50 -18.08 14.15
CA GLY A 143 5.38 -18.75 13.19
C GLY A 143 5.49 -18.02 11.85
N VAL A 144 4.56 -17.12 11.56
CA VAL A 144 4.52 -16.41 10.27
C VAL A 144 5.78 -15.56 10.11
N VAL A 145 6.38 -15.11 11.23
CA VAL A 145 7.50 -14.15 11.24
C VAL A 145 8.70 -14.82 10.58
N ASP A 146 9.04 -16.05 10.96
CA ASP A 146 10.21 -16.72 10.37
C ASP A 146 9.97 -17.01 8.89
N ALA A 147 8.73 -17.36 8.50
CA ALA A 147 8.35 -17.67 7.12
C ALA A 147 8.62 -16.43 6.26
N PHE A 148 8.14 -15.29 6.72
CA PHE A 148 8.31 -14.02 6.00
C PHE A 148 9.80 -13.67 5.88
N VAL A 149 10.55 -13.81 6.97
CA VAL A 149 12.00 -13.52 6.99
C VAL A 149 12.73 -14.41 5.97
N GLU A 150 12.33 -15.66 5.86
CA GLU A 150 12.96 -16.59 4.91
C GLU A 150 12.73 -16.07 3.49
N TYR A 151 11.48 -15.74 3.15
CA TYR A 151 11.14 -15.17 1.83
C TYR A 151 12.00 -13.91 1.58
N THR A 152 12.01 -13.00 2.54
CA THR A 152 12.77 -11.74 2.45
C THR A 152 14.23 -12.05 2.15
N ASP A 153 14.79 -12.99 2.91
CA ASP A 153 16.18 -13.44 2.76
C ASP A 153 16.41 -13.89 1.31
N VAL A 154 15.53 -14.76 0.78
CA VAL A 154 15.72 -15.38 -0.54
C VAL A 154 15.78 -14.28 -1.60
N ILE A 155 14.81 -13.37 -1.58
CA ILE A 155 14.61 -12.49 -2.75
C ILE A 155 15.57 -11.30 -2.67
N THR A 156 15.88 -10.85 -1.45
CA THR A 156 16.82 -9.74 -1.25
C THR A 156 18.22 -10.21 -1.65
N ARG A 157 18.53 -11.49 -1.43
CA ARG A 157 19.83 -12.02 -1.86
C ARG A 157 19.97 -11.88 -3.38
N ARG A 158 18.92 -12.17 -4.14
CA ARG A 158 18.93 -12.17 -5.61
C ARG A 158 18.90 -10.75 -6.18
N LEU A 159 18.22 -9.77 -5.54
CA LEU A 159 17.91 -8.51 -6.25
C LEU A 159 18.62 -7.30 -5.64
N SER A 160 19.30 -7.45 -4.50
CA SER A 160 19.81 -6.30 -3.73
C SER A 160 20.98 -5.62 -4.46
N ASP A 161 21.61 -6.32 -5.42
CA ASP A 161 22.63 -5.69 -6.29
C ASP A 161 21.97 -4.57 -7.11
N ARG A 162 20.66 -4.67 -7.39
CA ARG A 162 19.98 -3.73 -8.29
C ARG A 162 18.88 -2.93 -7.59
N VAL A 163 18.26 -3.46 -6.54
CA VAL A 163 17.22 -2.73 -5.79
C VAL A 163 17.82 -2.16 -4.52
N LYS A 164 17.74 -0.83 -4.36
CA LYS A 164 18.27 -0.13 -3.19
C LYS A 164 17.13 0.18 -2.22
N TYR A 165 15.91 0.39 -2.72
CA TYR A 165 14.75 0.78 -1.91
C TYR A 165 13.80 -0.40 -1.71
N TRP A 166 13.68 -0.83 -0.44
CA TRP A 166 12.85 -1.97 -0.03
C TRP A 166 11.77 -1.51 0.94
N MET A 167 10.56 -1.98 0.71
CA MET A 167 9.48 -1.80 1.68
C MET A 167 9.08 -3.19 2.17
N THR A 168 8.94 -3.34 3.49
CA THR A 168 8.70 -4.66 4.10
C THR A 168 7.27 -5.12 3.85
N LEU A 169 6.30 -4.54 4.55
CA LEU A 169 4.89 -4.93 4.37
C LEU A 169 4.07 -3.68 4.07
N ASN A 170 3.12 -3.84 3.16
CA ASN A 170 2.15 -2.83 2.77
C ASN A 170 0.94 -2.84 3.72
N GLU A 171 0.73 -1.73 4.46
CA GLU A 171 -0.50 -1.46 5.23
C GLU A 171 -0.82 -2.59 6.22
N PRO A 172 -0.06 -2.69 7.33
CA PRO A 172 -0.39 -3.60 8.43
C PRO A 172 -1.86 -3.54 8.84
N TRP A 173 -2.46 -2.36 8.84
CA TRP A 173 -3.85 -2.21 9.28
C TRP A 173 -4.76 -3.03 8.37
N VAL A 174 -4.50 -2.99 7.06
CA VAL A 174 -5.35 -3.71 6.07
C VAL A 174 -5.13 -5.21 6.27
N ILE A 175 -3.88 -5.61 6.25
CA ILE A 175 -3.52 -7.04 6.40
C ILE A 175 -4.23 -7.61 7.62
N SER A 176 -4.14 -6.94 8.77
CA SER A 176 -4.62 -7.47 10.04
C SER A 176 -6.11 -7.20 10.19
N PHE A 177 -6.54 -5.94 10.08
CA PHE A 177 -7.96 -5.59 10.35
C PHE A 177 -8.87 -6.10 9.21
N LEU A 178 -8.56 -5.82 7.94
CA LEU A 178 -9.52 -6.23 6.90
C LEU A 178 -9.43 -7.75 6.65
N GLY A 179 -8.26 -8.35 6.87
CA GLY A 179 -8.07 -9.77 6.61
C GLY A 179 -8.63 -10.67 7.73
N TYR A 180 -8.58 -10.17 8.98
CA TYR A 180 -8.82 -11.02 10.17
C TYR A 180 -9.89 -10.43 11.08
N GLY A 181 -10.14 -9.13 10.98
CA GLY A 181 -11.02 -8.40 11.88
C GLY A 181 -12.36 -8.09 11.23
N ALA A 182 -12.43 -7.78 9.94
CA ALA A 182 -13.67 -7.33 9.26
C ALA A 182 -14.10 -8.35 8.22
N GLY A 183 -13.24 -9.31 7.89
CA GLY A 183 -13.56 -10.37 6.94
C GLY A 183 -13.71 -9.88 5.51
N GLU A 184 -13.22 -8.67 5.19
CA GLU A 184 -13.39 -8.09 3.85
C GLU A 184 -12.26 -8.46 2.88
N HIS A 185 -11.08 -8.79 3.39
CA HIS A 185 -9.91 -9.18 2.58
C HIS A 185 -9.47 -10.59 2.96
N ALA A 186 -8.75 -11.26 2.08
CA ALA A 186 -8.12 -12.55 2.36
C ALA A 186 -7.37 -12.45 3.70
N PRO A 187 -7.48 -13.45 4.58
CA PRO A 187 -8.20 -14.69 4.26
C PRO A 187 -9.68 -14.70 4.62
N GLY A 188 -10.24 -13.60 5.09
CA GLY A 188 -11.68 -13.42 5.24
C GLY A 188 -12.19 -13.83 6.61
N LEU A 189 -11.43 -13.59 7.68
CA LEU A 189 -11.87 -13.92 9.03
C LEU A 189 -12.33 -12.65 9.75
N ARG A 190 -13.14 -12.79 10.81
CA ARG A 190 -13.71 -11.62 11.51
C ARG A 190 -13.70 -11.85 13.00
N ASP A 191 -12.59 -11.52 13.65
CA ASP A 191 -12.44 -11.83 15.07
C ASP A 191 -11.44 -10.84 15.66
N LYS A 192 -11.85 -10.16 16.74
CA LYS A 192 -11.01 -9.11 17.32
C LYS A 192 -9.63 -9.66 17.67
N GLU A 193 -9.55 -10.84 18.33
CA GLU A 193 -8.28 -11.40 18.82
C GLU A 193 -7.34 -11.72 17.65
N LEU A 194 -7.90 -12.35 16.61
CA LEU A 194 -7.12 -12.75 15.43
C LEU A 194 -6.52 -11.50 14.78
N TYR A 195 -7.30 -10.41 14.67
CA TYR A 195 -6.83 -9.14 14.05
C TYR A 195 -5.66 -8.59 14.89
N LEU A 196 -5.79 -8.61 16.22
CA LEU A 196 -4.77 -8.03 17.11
C LEU A 196 -3.49 -8.87 17.08
N ARG A 197 -3.62 -10.20 16.97
CA ARG A 197 -2.47 -11.09 16.85
C ARG A 197 -1.80 -10.81 15.51
N ALA A 198 -2.61 -10.71 14.44
CA ALA A 198 -2.06 -10.48 13.09
C ALA A 198 -1.34 -9.15 13.05
N ALA A 199 -1.91 -8.11 13.68
CA ALA A 199 -1.29 -6.78 13.69
C ALA A 199 0.06 -6.86 14.38
N HIS A 200 0.16 -7.56 15.51
CA HIS A 200 1.43 -7.69 16.22
C HIS A 200 2.45 -8.44 15.37
N HIS A 201 2.05 -9.53 14.71
CA HIS A 201 3.01 -10.36 13.96
C HIS A 201 3.42 -9.64 12.69
N VAL A 202 2.60 -8.74 12.14
CA VAL A 202 3.03 -7.95 10.97
C VAL A 202 4.18 -7.04 11.41
N LEU A 203 4.05 -6.40 12.58
CA LEU A 203 5.08 -5.49 13.12
C LEU A 203 6.35 -6.27 13.38
N LEU A 204 6.25 -7.47 13.93
CA LEU A 204 7.45 -8.27 14.25
C LEU A 204 8.15 -8.70 12.95
N ALA A 205 7.34 -9.13 11.97
CA ALA A 205 7.86 -9.52 10.64
C ALA A 205 8.61 -8.36 9.99
N HIS A 206 8.04 -7.16 10.09
CA HIS A 206 8.72 -5.93 9.67
C HIS A 206 10.07 -5.84 10.36
N GLY A 207 10.08 -5.89 11.70
CA GLY A 207 11.32 -5.69 12.46
C GLY A 207 12.39 -6.77 12.23
N LYS A 208 12.00 -8.05 12.13
CA LYS A 208 12.96 -9.14 11.88
C LYS A 208 13.48 -9.06 10.42
N ALA A 209 12.66 -8.53 9.49
CA ALA A 209 13.09 -8.43 8.10
C ALA A 209 14.13 -7.34 7.89
N MET A 210 14.03 -6.23 8.63
CA MET A 210 14.93 -5.07 8.49
C MET A 210 16.41 -5.47 8.47
N PRO A 211 17.00 -6.13 9.50
CA PRO A 211 18.42 -6.53 9.45
C PRO A 211 18.80 -7.49 8.32
N VAL A 212 17.85 -8.28 7.82
CA VAL A 212 18.09 -9.19 6.70
C VAL A 212 18.25 -8.37 5.42
N ILE A 213 17.37 -7.40 5.21
CA ILE A 213 17.50 -6.46 4.07
C ILE A 213 18.86 -5.80 4.12
N ARG A 214 19.24 -5.26 5.28
CA ARG A 214 20.50 -4.49 5.41
C ARG A 214 21.70 -5.40 5.16
N ALA A 215 21.70 -6.60 5.74
CA ALA A 215 22.77 -7.60 5.56
C ALA A 215 22.88 -8.04 4.11
N ASN A 216 21.78 -8.19 3.38
CA ASN A 216 21.84 -8.69 1.98
C ASN A 216 22.16 -7.53 1.03
N GLY A 217 22.25 -6.30 1.57
CA GLY A 217 22.37 -5.09 0.76
C GLY A 217 23.76 -4.48 0.84
N ASN A 218 23.86 -3.17 0.76
CA ASN A 218 25.14 -2.44 0.78
C ASN A 218 24.88 -1.11 1.48
N ALA A 219 25.78 -0.14 1.39
CA ALA A 219 25.63 1.11 2.13
C ALA A 219 24.48 1.95 1.58
N GLN A 220 24.05 1.72 0.34
CA GLN A 220 23.01 2.48 -0.37
C GLN A 220 21.59 2.02 -0.03
N THR A 221 21.48 0.83 0.58
CA THR A 221 20.19 0.13 0.80
C THR A 221 19.34 0.91 1.80
N LYS A 222 18.06 1.15 1.50
CA LYS A 222 17.16 1.89 2.39
C LYS A 222 15.90 1.07 2.53
N ALA A 223 15.37 0.96 3.74
CA ALA A 223 14.18 0.15 3.96
C ALA A 223 13.25 0.81 4.99
N GLY A 224 11.98 0.46 4.86
CA GLY A 224 10.97 0.87 5.82
C GLY A 224 9.69 0.13 5.55
N ILE A 225 8.70 0.49 6.33
CA ILE A 225 7.35 -0.07 6.25
C ILE A 225 6.47 0.95 5.52
N VAL A 226 5.32 0.48 5.04
CA VAL A 226 4.28 1.32 4.41
C VAL A 226 3.02 1.32 5.29
N LEU A 227 2.60 2.47 5.80
CA LEU A 227 1.35 2.58 6.58
C LEU A 227 0.29 3.29 5.74
N ASN A 228 -0.95 2.79 5.76
CA ASN A 228 -2.12 3.59 5.38
C ASN A 228 -2.47 4.51 6.54
N LEU A 229 -2.65 5.80 6.22
CA LEU A 229 -3.03 6.83 7.17
C LEU A 229 -4.02 7.74 6.44
N ASN A 230 -5.13 8.06 7.10
CA ASN A 230 -6.16 8.97 6.61
C ASN A 230 -6.36 10.05 7.69
N TRP A 231 -6.81 11.22 7.29
CA TRP A 231 -7.04 12.31 8.25
C TRP A 231 -8.38 12.05 8.95
N VAL A 232 -8.38 11.98 10.27
CA VAL A 232 -9.59 11.66 11.00
C VAL A 232 -10.10 12.92 11.67
N ASN A 233 -11.42 13.02 11.70
CA ASN A 233 -12.17 14.17 12.16
C ASN A 233 -13.33 13.69 13.01
N ALA A 234 -13.67 14.38 14.11
CA ALA A 234 -14.85 14.08 14.94
C ALA A 234 -16.05 14.75 14.26
N ALA A 235 -17.22 14.13 14.29
CA ALA A 235 -18.42 14.71 13.65
C ALA A 235 -18.83 15.99 14.39
N SER A 236 -18.59 16.08 15.70
CA SER A 236 -19.00 17.24 16.51
C SER A 236 -18.07 17.39 17.71
N ASP A 237 -18.39 18.36 18.57
CA ASP A 237 -17.61 18.65 19.79
C ASP A 237 -18.14 17.84 20.98
N SER A 238 -19.22 17.08 20.79
CA SER A 238 -19.73 16.27 21.89
C SER A 238 -18.57 15.45 22.43
N PRO A 239 -18.40 15.38 23.77
CA PRO A 239 -17.47 14.41 24.37
C PRO A 239 -17.51 13.03 23.71
N GLU A 240 -18.71 12.48 23.43
CA GLU A 240 -18.86 11.12 22.88
C GLU A 240 -18.24 11.03 21.47
N ASP A 241 -18.38 12.08 20.67
CA ASP A 241 -17.86 12.11 19.29
C ASP A 241 -16.35 12.37 19.29
N GLN A 242 -15.83 13.19 20.21
CA GLN A 242 -14.38 13.43 20.31
C GLN A 242 -13.73 12.10 20.66
N ALA A 243 -14.37 11.37 21.57
CA ALA A 243 -13.84 10.09 22.04
C ALA A 243 -13.88 9.09 20.87
N ALA A 244 -14.99 9.02 20.13
CA ALA A 244 -15.13 8.14 18.96
C ALA A 244 -14.00 8.41 17.95
N ALA A 245 -13.74 9.69 17.64
CA ALA A 245 -12.67 10.11 16.73
C ALA A 245 -11.30 9.70 17.25
N ARG A 246 -11.07 9.83 18.56
CA ARG A 246 -9.78 9.50 19.21
C ARG A 246 -9.57 7.97 19.07
N ARG A 247 -10.57 7.14 19.34
CA ARG A 247 -10.44 5.68 19.22
C ARG A 247 -10.17 5.28 17.76
N TYR A 248 -10.88 5.91 16.82
CA TYR A 248 -10.75 5.56 15.40
C TYR A 248 -9.34 5.94 14.94
N ASP A 249 -8.87 7.12 15.36
CA ASP A 249 -7.52 7.60 15.02
C ASP A 249 -6.48 6.63 15.58
N GLN A 250 -6.67 6.16 16.82
CA GLN A 250 -5.77 5.20 17.46
C GLN A 250 -5.79 3.87 16.69
N PHE A 251 -6.99 3.42 16.31
CA PHE A 251 -7.20 2.18 15.53
C PHE A 251 -6.48 2.19 14.17
N PHE A 252 -6.68 3.26 13.39
CA PHE A 252 -6.33 3.38 11.97
C PHE A 252 -4.91 3.93 11.82
N ASN A 253 -4.60 4.98 12.60
CA ASN A 253 -3.40 5.81 12.37
C ASN A 253 -2.30 5.53 13.39
N ARG A 254 -2.62 5.29 14.67
CA ARG A 254 -1.54 5.18 15.68
C ARG A 254 -1.14 3.75 16.02
N TRP A 255 -1.95 2.76 15.67
CA TRP A 255 -1.76 1.40 16.17
C TRP A 255 -0.41 0.83 15.74
N PHE A 256 0.10 1.26 14.59
CA PHE A 256 1.38 0.74 14.05
C PHE A 256 2.49 1.76 14.28
N ALA A 257 2.21 3.04 13.98
CA ALA A 257 3.16 4.15 14.21
C ALA A 257 3.69 4.19 15.65
N GLU A 258 2.84 4.02 16.67
CA GLU A 258 3.29 4.15 18.07
C GLU A 258 4.27 3.02 18.39
N PRO A 259 3.97 1.75 18.06
CA PRO A 259 4.97 0.71 18.25
C PRO A 259 6.28 0.94 17.51
N LEU A 260 6.20 1.34 16.24
CA LEU A 260 7.38 1.52 15.38
C LEU A 260 8.34 2.55 15.97
N TYR A 261 7.83 3.63 16.59
CA TYR A 261 8.66 4.78 16.98
C TYR A 261 8.79 4.81 18.50
N ASN A 262 7.78 4.41 19.28
CA ASN A 262 7.78 4.57 20.75
C ASN A 262 7.71 3.24 21.48
N GLY A 263 7.68 2.09 20.80
CA GLY A 263 7.68 0.75 21.42
C GLY A 263 6.53 0.51 22.40
N ARG A 264 5.33 0.97 22.04
CA ARG A 264 4.09 0.75 22.78
C ARG A 264 2.88 0.93 21.85
N TYR A 265 1.79 0.23 22.14
CA TYR A 265 0.51 0.50 21.48
C TYR A 265 -0.15 1.69 22.16
N PRO A 266 -1.06 2.39 21.44
CA PRO A 266 -1.89 3.46 22.03
C PRO A 266 -2.66 2.97 23.26
N GLU A 267 -2.45 3.58 24.43
CA GLU A 267 -2.85 2.95 25.70
C GLU A 267 -4.38 2.88 25.83
N GLU A 268 -5.07 3.98 25.51
CA GLU A 268 -6.55 4.11 25.62
C GLU A 268 -7.23 2.99 24.81
N LEU A 269 -6.87 2.79 23.52
CA LEU A 269 -7.49 1.71 22.73
C LEU A 269 -7.06 0.32 23.23
N LEU A 270 -5.78 0.14 23.56
CA LEU A 270 -5.29 -1.16 24.02
C LEU A 270 -6.10 -1.62 25.25
N GLU A 271 -6.34 -0.66 26.17
CA GLU A 271 -7.21 -0.84 27.35
C GLU A 271 -8.60 -1.27 26.90
N TRP A 272 -9.25 -0.46 26.05
CA TRP A 272 -10.60 -0.68 25.51
C TRP A 272 -10.76 -2.10 24.96
N TYR A 273 -9.77 -2.60 24.22
CA TYR A 273 -9.80 -3.91 23.54
C TYR A 273 -9.67 -5.04 24.56
N GLY A 274 -8.81 -4.88 25.58
CA GLY A 274 -8.32 -6.02 26.37
C GLY A 274 -6.84 -6.28 26.07
N ARG A 275 -5.97 -5.65 26.86
CA ARG A 275 -4.51 -5.62 26.66
C ARG A 275 -3.92 -7.01 26.43
N ASP A 276 -4.46 -8.04 27.11
CA ASP A 276 -3.98 -9.42 27.04
C ASP A 276 -4.22 -10.05 25.66
N LEU A 277 -5.08 -9.48 24.80
CA LEU A 277 -5.37 -10.06 23.47
C LEU A 277 -4.20 -9.89 22.51
N VAL A 278 -3.36 -8.89 22.76
CA VAL A 278 -2.13 -8.69 21.97
C VAL A 278 -1.01 -9.60 22.46
N PRO A 279 -0.43 -10.50 21.63
CA PRO A 279 0.52 -11.51 22.14
C PRO A 279 1.96 -10.97 22.18
N VAL A 280 2.18 -9.96 23.03
CA VAL A 280 3.49 -9.32 23.19
C VAL A 280 4.36 -10.25 24.01
N GLN A 281 5.56 -10.52 23.51
CA GLN A 281 6.56 -11.23 24.28
C GLN A 281 7.72 -10.28 24.57
N PRO A 282 8.52 -10.59 25.60
CA PRO A 282 9.69 -9.78 25.93
C PRO A 282 10.61 -9.63 24.72
N GLY A 283 11.09 -8.41 24.46
CA GLY A 283 12.00 -8.13 23.34
C GLY A 283 11.27 -7.77 22.06
N ASP A 284 9.95 -7.93 22.02
CA ASP A 284 9.18 -7.73 20.79
C ASP A 284 9.29 -6.26 20.37
N PHE A 285 9.11 -5.31 21.31
CA PHE A 285 9.16 -3.88 20.98
C PHE A 285 10.56 -3.45 20.55
N ASP A 286 11.61 -4.07 21.07
CA ASP A 286 12.98 -3.82 20.57
C ASP A 286 13.07 -4.26 19.10
N ILE A 287 12.48 -5.38 18.71
CA ILE A 287 12.47 -5.82 17.31
C ILE A 287 11.66 -4.81 16.48
N ILE A 288 10.48 -4.44 16.94
CA ILE A 288 9.55 -3.61 16.14
C ILE A 288 10.14 -2.21 15.88
N THR A 289 10.92 -1.70 16.85
CA THR A 289 11.49 -0.35 16.76
C THR A 289 12.83 -0.34 16.03
N THR A 290 13.28 -1.43 15.41
CA THR A 290 14.53 -1.46 14.62
C THR A 290 14.54 -0.28 13.67
N PRO A 291 15.62 0.55 13.68
CA PRO A 291 15.64 1.75 12.86
C PRO A 291 15.37 1.51 11.38
N THR A 292 14.58 2.42 10.82
CA THR A 292 14.20 2.45 9.39
C THR A 292 14.82 3.70 8.76
N ASP A 293 14.96 3.71 7.44
CA ASP A 293 15.53 4.84 6.69
C ASP A 293 14.43 5.84 6.32
N PHE A 294 13.21 5.36 6.27
CA PHE A 294 12.09 6.22 5.88
C PHE A 294 10.81 5.59 6.41
N LEU A 295 9.75 6.42 6.35
CA LEU A 295 8.39 5.95 6.55
C LEU A 295 7.63 6.22 5.26
N ALA A 296 6.96 5.19 4.76
CA ALA A 296 6.15 5.34 3.56
C ALA A 296 4.68 5.44 3.97
N VAL A 297 3.95 6.34 3.31
CA VAL A 297 2.56 6.72 3.61
C VAL A 297 1.67 6.49 2.38
N ASN A 298 0.54 5.84 2.62
CA ASN A 298 -0.54 5.65 1.64
C ASN A 298 -1.74 6.43 2.19
N TYR A 299 -2.05 7.57 1.56
CA TYR A 299 -3.07 8.55 1.99
C TYR A 299 -4.14 8.66 0.90
N TYR A 300 -5.43 8.64 1.28
CA TYR A 300 -6.56 8.78 0.33
C TYR A 300 -7.60 9.82 0.73
N ALA A 301 -7.91 9.95 2.04
CA ALA A 301 -9.18 10.55 2.43
C ALA A 301 -9.17 11.08 3.87
N ARG A 302 -10.20 11.90 4.11
CA ARG A 302 -10.64 12.28 5.44
C ARG A 302 -11.79 11.35 5.82
N THR A 303 -11.74 10.89 7.05
CA THR A 303 -12.76 10.01 7.62
C THR A 303 -13.34 10.71 8.85
N THR A 304 -14.65 10.88 8.88
CA THR A 304 -15.33 11.63 9.93
C THR A 304 -16.17 10.66 10.76
N VAL A 305 -16.05 10.74 12.08
CA VAL A 305 -16.47 9.68 13.00
C VAL A 305 -17.38 10.30 14.05
N LYS A 306 -18.46 9.60 14.39
CA LYS A 306 -19.30 9.95 15.54
C LYS A 306 -19.46 8.73 16.43
N ALA A 307 -19.87 8.97 17.67
CA ALA A 307 -20.27 7.89 18.58
C ALA A 307 -21.48 7.21 17.94
N GLY A 308 -21.51 5.90 17.95
CA GLY A 308 -22.61 5.13 17.38
C GLY A 308 -22.27 3.67 17.53
N SER A 309 -22.99 2.79 16.84
CA SER A 309 -22.73 1.35 16.94
C SER A 309 -22.66 0.69 15.57
N THR A 310 -22.43 1.47 14.50
CA THR A 310 -22.12 0.91 13.17
C THR A 310 -20.99 -0.10 13.31
N ASP A 311 -19.75 0.31 13.61
CA ASP A 311 -18.66 -0.62 14.01
C ASP A 311 -18.92 -0.90 15.49
N PRO A 312 -19.37 -2.13 15.88
CA PRO A 312 -19.61 -2.44 17.28
C PRO A 312 -18.29 -2.62 18.05
N MET A 313 -17.22 -3.00 17.35
CA MET A 313 -15.89 -3.12 17.99
C MET A 313 -15.40 -1.74 18.51
N LEU A 314 -15.59 -0.65 17.76
CA LEU A 314 -15.13 0.68 18.21
C LEU A 314 -16.26 1.56 18.72
N GLN A 315 -17.52 1.15 18.51
CA GLN A 315 -18.64 2.01 18.90
C GLN A 315 -18.52 3.30 18.11
N VAL A 316 -18.40 3.21 16.78
CA VAL A 316 -18.40 4.40 15.91
C VAL A 316 -19.36 4.20 14.74
N ASP A 317 -19.92 5.32 14.24
CA ASP A 317 -20.47 5.46 12.88
C ASP A 317 -19.63 6.47 12.13
N PHE A 318 -19.59 6.32 10.80
CA PHE A 318 -18.97 7.25 9.86
C PHE A 318 -19.99 8.27 9.41
N VAL A 319 -19.59 9.54 9.28
CA VAL A 319 -20.40 10.65 8.78
C VAL A 319 -19.72 11.18 7.51
N ARG A 320 -20.51 11.54 6.49
CA ARG A 320 -20.00 12.14 5.24
C ARG A 320 -20.31 13.63 5.26
N PRO A 321 -19.31 14.48 5.58
CA PRO A 321 -19.50 15.92 5.52
C PRO A 321 -19.88 16.35 4.11
N PRO A 322 -20.60 17.48 3.92
CA PRO A 322 -20.85 18.03 2.59
C PRO A 322 -19.51 18.24 1.91
N GLY A 323 -19.34 17.76 0.69
CA GLY A 323 -18.08 17.89 -0.03
C GLY A 323 -18.04 16.96 -1.22
N GLU A 324 -16.83 16.70 -1.70
CA GLU A 324 -16.60 15.92 -2.91
C GLU A 324 -16.20 14.48 -2.50
N TYR A 325 -16.76 13.49 -3.21
CA TYR A 325 -16.55 12.06 -2.99
C TYR A 325 -16.12 11.41 -4.32
N THR A 326 -15.20 10.46 -4.24
CA THR A 326 -14.83 9.57 -5.35
C THR A 326 -15.87 8.47 -5.54
N ALA A 327 -15.70 7.65 -6.59
CA ALA A 327 -16.54 6.46 -6.83
C ALA A 327 -16.35 5.43 -5.69
N MET A 328 -15.38 5.60 -4.82
CA MET A 328 -15.23 4.71 -3.64
C MET A 328 -16.06 5.26 -2.47
N ASP A 329 -16.67 6.43 -2.63
CA ASP A 329 -17.36 7.13 -1.56
C ASP A 329 -16.34 7.57 -0.51
N TRP A 330 -15.13 7.91 -0.95
CA TRP A 330 -14.08 8.46 -0.08
C TRP A 330 -14.03 9.99 -0.22
N GLU A 331 -14.01 10.73 0.91
CA GLU A 331 -14.06 12.19 0.80
C GLU A 331 -12.73 12.73 0.27
N VAL A 332 -12.78 13.69 -0.65
CA VAL A 332 -11.59 14.33 -1.24
C VAL A 332 -11.18 15.47 -0.31
N TYR A 333 -9.97 15.41 0.27
CA TYR A 333 -9.53 16.30 1.34
C TYR A 333 -8.01 16.41 1.32
N PRO A 334 -7.47 17.11 0.31
CA PRO A 334 -6.03 17.20 0.13
C PRO A 334 -5.32 17.82 1.34
N GLN A 335 -5.97 18.71 2.10
CA GLN A 335 -5.35 19.27 3.31
C GLN A 335 -4.93 18.13 4.25
N GLY A 336 -5.69 17.05 4.23
CA GLY A 336 -5.41 15.88 5.04
C GLY A 336 -4.01 15.35 4.80
N LEU A 337 -3.50 15.42 3.57
CA LEU A 337 -2.17 14.87 3.30
C LEU A 337 -1.10 15.70 4.00
N TYR A 338 -1.22 17.03 3.94
CA TYR A 338 -0.33 17.95 4.66
C TYR A 338 -0.41 17.62 6.15
N ASN A 339 -1.64 17.49 6.66
CA ASN A 339 -1.90 17.31 8.10
C ASN A 339 -1.22 16.01 8.56
N ILE A 340 -1.37 14.92 7.79
CA ILE A 340 -0.76 13.63 8.15
C ILE A 340 0.75 13.78 8.14
N LEU A 341 1.32 14.32 7.06
CA LEU A 341 2.78 14.42 6.93
C LEU A 341 3.33 15.29 8.05
N ASN A 342 2.61 16.34 8.45
CA ASN A 342 3.10 17.28 9.47
C ASN A 342 3.06 16.59 10.85
N TRP A 343 1.99 15.85 11.13
CA TRP A 343 1.88 15.04 12.34
C TRP A 343 3.07 14.07 12.41
N LEU A 344 3.30 13.29 11.37
CA LEU A 344 4.42 12.35 11.39
C LEU A 344 5.74 13.08 11.61
N HIS A 345 5.97 14.21 10.92
CA HIS A 345 7.22 14.98 11.07
C HIS A 345 7.41 15.41 12.52
N THR A 346 6.38 15.99 13.13
CA THR A 346 6.55 16.64 14.44
C THR A 346 6.58 15.54 15.50
N ASP A 347 5.77 14.49 15.37
CA ASP A 347 5.64 13.47 16.42
C ASP A 347 6.75 12.41 16.37
N TYR A 348 7.25 12.02 15.19
CA TYR A 348 8.14 10.84 15.07
C TYR A 348 9.46 11.19 14.40
N ALA A 349 9.52 12.32 13.68
CA ALA A 349 10.73 12.80 12.98
C ALA A 349 11.35 11.69 12.13
N PRO A 350 10.62 11.02 11.22
CA PRO A 350 11.28 10.07 10.33
C PRO A 350 12.29 10.87 9.51
N PRO A 351 13.48 10.31 9.22
CA PRO A 351 14.49 11.04 8.46
C PRO A 351 14.06 11.32 7.02
N ALA A 352 13.12 10.54 6.49
CA ALA A 352 12.60 10.70 5.14
C ALA A 352 11.16 10.16 5.13
N LEU A 353 10.29 10.84 4.40
CA LEU A 353 8.92 10.39 4.14
C LEU A 353 8.76 10.16 2.65
N TYR A 354 7.96 9.17 2.27
CA TYR A 354 7.49 8.99 0.89
C TYR A 354 5.97 8.89 0.89
N VAL A 355 5.29 9.52 -0.08
CA VAL A 355 3.91 9.15 -0.37
C VAL A 355 3.97 7.99 -1.37
N THR A 356 3.77 6.74 -0.90
CA THR A 356 3.96 5.54 -1.73
C THR A 356 2.63 5.17 -2.41
N GLU A 357 1.53 5.80 -1.96
CA GLU A 357 0.26 5.74 -2.68
C GLU A 357 -0.58 6.98 -2.39
N ASN A 358 -1.16 7.53 -3.46
CA ASN A 358 -2.29 8.46 -3.40
C ASN A 358 -2.94 8.50 -4.79
N GLY A 359 -4.26 8.55 -4.86
CA GLY A 359 -5.01 8.52 -6.11
C GLY A 359 -6.51 8.42 -5.84
N ALA A 360 -7.26 8.33 -6.93
CA ALA A 360 -8.72 8.35 -6.86
C ALA A 360 -9.32 7.46 -7.93
N ALA A 361 -10.49 6.91 -7.60
CA ALA A 361 -11.36 6.19 -8.54
C ALA A 361 -12.56 7.05 -8.89
N TYR A 362 -12.69 7.31 -10.19
CA TYR A 362 -13.87 7.93 -10.79
C TYR A 362 -14.31 7.06 -11.98
N ASP A 363 -15.58 7.17 -12.35
CA ASP A 363 -16.15 6.42 -13.50
C ASP A 363 -15.44 6.91 -14.76
N ASP A 364 -14.88 6.01 -15.55
CA ASP A 364 -14.16 6.41 -16.78
C ASP A 364 -14.88 5.85 -18.00
N GLN A 365 -14.83 6.59 -19.11
CA GLN A 365 -15.35 6.17 -20.42
C GLN A 365 -14.31 6.53 -21.47
N VAL A 366 -14.15 5.68 -22.48
CA VAL A 366 -13.30 5.93 -23.67
C VAL A 366 -14.19 6.68 -24.63
N SER A 367 -13.82 7.89 -25.06
CA SER A 367 -14.63 8.67 -26.02
C SER A 367 -14.55 7.98 -27.38
N ALA A 368 -15.42 8.42 -28.30
CA ALA A 368 -15.40 8.01 -29.71
C ALA A 368 -14.00 8.18 -30.29
N ALA A 369 -13.29 9.26 -29.94
CA ALA A 369 -11.91 9.53 -30.41
C ALA A 369 -10.85 8.67 -29.68
N GLY A 370 -11.23 7.77 -28.79
CA GLY A 370 -10.26 6.91 -28.07
C GLY A 370 -9.53 7.59 -26.90
N GLU A 371 -10.10 8.67 -26.33
CA GLU A 371 -9.49 9.38 -25.20
C GLU A 371 -10.29 9.08 -23.92
N VAL A 372 -9.62 9.23 -22.79
CA VAL A 372 -10.25 9.07 -21.47
C VAL A 372 -10.12 10.39 -20.72
N ASP A 373 -11.25 11.12 -20.66
CA ASP A 373 -11.28 12.50 -20.15
C ASP A 373 -11.68 12.41 -18.68
N ASP A 374 -10.75 12.50 -17.74
CA ASP A 374 -11.02 12.28 -16.29
C ASP A 374 -10.71 13.55 -15.48
N PRO A 375 -11.50 14.64 -15.60
CA PRO A 375 -11.13 15.87 -14.93
C PRO A 375 -11.22 15.81 -13.39
N GLN A 376 -12.05 14.92 -12.84
CA GLN A 376 -12.14 14.82 -11.36
C GLN A 376 -10.88 14.20 -10.77
N ARG A 377 -10.36 13.17 -11.43
CA ARG A 377 -9.11 12.49 -11.04
C ARG A 377 -7.94 13.47 -11.16
N LEU A 378 -7.92 14.27 -12.24
CA LEU A 378 -6.87 15.30 -12.45
C LEU A 378 -6.94 16.28 -11.28
N ALA A 379 -8.13 16.73 -10.90
CA ALA A 379 -8.26 17.73 -9.83
C ALA A 379 -7.84 17.13 -8.50
N TYR A 380 -8.19 15.86 -8.26
CA TYR A 380 -7.79 15.14 -7.05
C TYR A 380 -6.28 15.19 -6.96
N LEU A 381 -5.59 14.82 -8.05
CA LEU A 381 -4.12 14.71 -8.06
C LEU A 381 -3.50 16.08 -7.89
N GLU A 382 -3.98 17.07 -8.62
CA GLU A 382 -3.49 18.45 -8.47
C GLU A 382 -3.56 18.93 -7.00
N GLY A 383 -4.71 18.78 -6.36
CA GLY A 383 -4.87 19.21 -4.97
C GLY A 383 -3.86 18.51 -4.05
N HIS A 384 -3.60 17.22 -4.26
CA HIS A 384 -2.76 16.46 -3.32
C HIS A 384 -1.30 16.77 -3.57
N PHE A 385 -0.92 16.99 -4.83
CA PHE A 385 0.45 17.41 -5.17
C PHE A 385 0.74 18.77 -4.55
N GLU A 386 -0.25 19.68 -4.59
CA GLU A 386 -0.09 21.02 -3.98
C GLU A 386 0.14 20.88 -2.47
N ALA A 387 -0.64 20.01 -1.79
CA ALA A 387 -0.48 19.73 -0.35
C ALA A 387 0.94 19.21 -0.06
N ALA A 388 1.46 18.32 -0.92
CA ALA A 388 2.78 17.71 -0.74
C ALA A 388 3.84 18.80 -0.86
N TYR A 389 3.68 19.70 -1.84
CA TYR A 389 4.53 20.88 -2.06
C TYR A 389 4.53 21.78 -0.81
N ARG A 390 3.35 22.04 -0.23
CA ARG A 390 3.27 22.83 1.00
C ARG A 390 4.06 22.15 2.12
N ALA A 391 3.99 20.82 2.18
CA ALA A 391 4.69 20.05 3.21
C ALA A 391 6.19 20.25 3.04
N ILE A 392 6.68 20.13 1.80
CA ILE A 392 8.11 20.30 1.53
C ILE A 392 8.54 21.72 1.91
N GLN A 393 7.74 22.73 1.55
CA GLN A 393 8.07 24.12 1.89
C GLN A 393 8.11 24.28 3.40
N ALA A 394 7.38 23.46 4.18
CA ALA A 394 7.36 23.59 5.64
C ALA A 394 8.52 22.82 6.30
N GLY A 395 9.45 22.24 5.52
CA GLY A 395 10.60 21.52 6.05
C GLY A 395 10.36 20.03 6.25
N ILE A 396 9.25 19.49 5.77
CA ILE A 396 8.99 18.05 5.95
C ILE A 396 9.82 17.34 4.91
N PRO A 397 10.61 16.32 5.30
CA PRO A 397 11.53 15.67 4.36
C PRO A 397 10.85 14.64 3.47
N LEU A 398 9.90 15.12 2.66
CA LEU A 398 9.21 14.28 1.67
C LEU A 398 10.10 14.11 0.44
N LYS A 399 10.45 12.87 0.12
CA LYS A 399 11.48 12.57 -0.89
C LYS A 399 10.87 12.06 -2.19
N GLY A 400 9.59 11.72 -2.16
CA GLY A 400 8.98 11.16 -3.36
C GLY A 400 7.49 10.94 -3.21
N TYR A 401 6.84 10.76 -4.35
CA TYR A 401 5.39 10.69 -4.45
C TYR A 401 5.08 9.70 -5.57
N PHE A 402 4.33 8.67 -5.22
CA PHE A 402 3.92 7.62 -6.14
C PHE A 402 2.40 7.63 -6.26
N VAL A 403 1.90 7.82 -7.47
CA VAL A 403 0.48 7.86 -7.73
C VAL A 403 -0.04 6.42 -7.76
N TRP A 404 -1.16 6.18 -7.08
CA TRP A 404 -1.89 4.91 -7.17
C TRP A 404 -3.00 5.20 -8.17
N SER A 405 -2.92 4.69 -9.40
CA SER A 405 -1.99 3.67 -9.84
C SER A 405 -1.57 3.94 -11.26
N LEU A 406 -0.50 3.27 -11.66
CA LEU A 406 -0.07 3.32 -13.04
C LEU A 406 -1.24 3.06 -13.95
N MET A 407 -1.99 1.99 -13.71
CA MET A 407 -3.13 1.66 -14.56
C MET A 407 -4.29 1.04 -13.77
N ASP A 408 -5.48 1.09 -14.35
CA ASP A 408 -6.65 0.38 -13.79
C ASP A 408 -6.24 -1.05 -13.48
N ASN A 409 -6.76 -1.59 -12.37
CA ASN A 409 -6.33 -2.94 -11.97
C ASN A 409 -7.43 -3.58 -11.10
N PHE A 410 -7.17 -4.80 -10.59
CA PHE A 410 -8.08 -5.54 -9.71
C PHE A 410 -8.13 -4.84 -8.35
N GLU A 411 -9.23 -4.19 -8.04
CA GLU A 411 -9.34 -3.35 -6.83
C GLU A 411 -9.93 -4.20 -5.70
N TRP A 412 -9.29 -5.34 -5.44
CA TRP A 412 -9.58 -6.15 -4.26
C TRP A 412 -11.09 -6.42 -4.20
N GLY A 413 -11.75 -6.19 -3.08
CA GLY A 413 -13.17 -6.50 -2.92
C GLY A 413 -14.09 -5.74 -3.88
N ARG A 414 -13.58 -4.70 -4.56
CA ARG A 414 -14.37 -3.98 -5.56
C ARG A 414 -14.21 -4.60 -6.95
N GLY A 415 -13.31 -5.58 -7.12
CA GLY A 415 -12.99 -6.14 -8.43
C GLY A 415 -12.53 -5.05 -9.41
N PHE A 416 -12.86 -5.20 -10.70
CA PHE A 416 -12.36 -4.33 -11.77
C PHE A 416 -13.24 -3.07 -11.92
N GLU A 417 -14.37 -3.00 -11.22
CA GLU A 417 -15.34 -1.90 -11.36
C GLU A 417 -14.80 -0.56 -10.87
N LYS A 418 -13.75 -0.53 -10.06
CA LYS A 418 -13.18 0.73 -9.60
C LYS A 418 -11.78 0.92 -10.19
N ARG A 419 -11.65 2.03 -10.94
CA ARG A 419 -10.48 2.32 -11.78
C ARG A 419 -9.74 3.46 -11.12
N PHE A 420 -8.50 3.18 -10.67
CA PHE A 420 -7.57 4.11 -10.00
C PHE A 420 -6.45 4.56 -10.93
N GLY A 421 -6.38 3.98 -12.11
CA GLY A 421 -5.26 4.32 -12.97
C GLY A 421 -5.26 5.75 -13.51
N ILE A 422 -4.06 6.23 -13.81
CA ILE A 422 -3.89 7.38 -14.72
C ILE A 422 -3.73 6.85 -16.15
N VAL A 423 -3.78 5.52 -16.29
CA VAL A 423 -3.82 4.81 -17.58
C VAL A 423 -5.03 3.87 -17.56
N PHE A 424 -5.89 3.97 -18.58
CA PHE A 424 -7.07 3.13 -18.74
C PHE A 424 -6.66 1.76 -19.28
N VAL A 425 -7.31 0.70 -18.81
CA VAL A 425 -7.13 -0.66 -19.35
C VAL A 425 -8.50 -1.15 -19.83
N ASP A 426 -8.57 -1.42 -21.12
CA ASP A 426 -9.74 -2.08 -21.74
C ASP A 426 -9.53 -3.57 -21.50
N TYR A 427 -10.30 -4.15 -20.57
CA TYR A 427 -10.07 -5.53 -20.12
C TYR A 427 -10.35 -6.51 -21.27
N ALA A 428 -11.18 -6.14 -22.25
CA ALA A 428 -11.52 -7.01 -23.40
C ALA A 428 -10.30 -7.22 -24.27
N THR A 429 -9.34 -6.30 -24.31
CA THR A 429 -8.22 -6.35 -25.26
C THR A 429 -6.86 -6.16 -24.60
N GLN A 430 -6.83 -5.70 -23.34
CA GLN A 430 -5.62 -5.32 -22.60
C GLN A 430 -4.96 -4.08 -23.21
N GLN A 431 -5.68 -3.34 -24.05
CA GLN A 431 -5.20 -2.04 -24.51
C GLN A 431 -5.06 -1.08 -23.34
N ARG A 432 -3.89 -0.41 -23.26
CA ARG A 432 -3.64 0.72 -22.34
C ARG A 432 -3.93 2.03 -23.09
N ILE A 433 -4.80 2.89 -22.54
CA ILE A 433 -4.95 4.29 -23.01
C ILE A 433 -4.51 5.25 -21.89
N ILE A 434 -3.50 6.10 -22.13
CA ILE A 434 -3.13 7.08 -21.09
C ILE A 434 -4.30 8.06 -20.96
N LYS A 435 -4.76 8.32 -19.74
CA LYS A 435 -5.90 9.20 -19.49
C LYS A 435 -5.43 10.65 -19.54
N ARG A 436 -6.39 11.56 -19.55
CA ARG A 436 -6.08 12.98 -19.45
C ARG A 436 -5.21 13.24 -18.21
N SER A 437 -5.59 12.68 -17.05
CA SER A 437 -4.79 12.82 -15.82
C SER A 437 -3.36 12.34 -16.05
N GLY A 438 -3.18 11.23 -16.77
CA GLY A 438 -1.86 10.70 -17.09
C GLY A 438 -1.03 11.65 -17.97
N LYS A 439 -1.64 12.22 -19.01
CA LYS A 439 -0.94 13.20 -19.87
C LYS A 439 -0.51 14.43 -19.06
N TRP A 440 -1.38 14.88 -18.18
CA TRP A 440 -1.06 15.96 -17.23
C TRP A 440 0.11 15.53 -16.33
N PHE A 441 0.02 14.34 -15.74
CA PHE A 441 1.11 13.83 -14.89
C PHE A 441 2.42 13.88 -15.67
N SER A 442 2.39 13.52 -16.97
CA SER A 442 3.57 13.57 -17.86
C SER A 442 4.27 14.91 -17.85
N GLN A 443 3.50 15.99 -17.69
CA GLN A 443 4.00 17.37 -17.66
C GLN A 443 4.59 17.67 -16.29
N VAL A 444 3.93 17.19 -15.22
CA VAL A 444 4.40 17.38 -13.83
C VAL A 444 5.76 16.71 -13.62
N THR A 445 5.92 15.47 -14.06
CA THR A 445 7.18 14.75 -13.82
C THR A 445 8.35 15.49 -14.50
N ARG A 446 8.15 15.91 -15.75
CA ARG A 446 9.21 16.52 -16.57
C ARG A 446 9.48 17.95 -16.14
N ALA A 447 8.48 18.66 -15.61
CA ALA A 447 8.71 19.98 -15.02
C ALA A 447 9.18 19.86 -13.57
N ASN A 448 9.11 18.68 -12.95
CA ASN A 448 9.41 18.53 -11.52
C ASN A 448 8.60 19.56 -10.74
N GLY A 449 7.33 19.75 -11.12
CA GLY A 449 6.43 20.60 -10.33
C GLY A 449 5.13 20.87 -11.07
N LEU A 450 4.38 21.85 -10.58
CA LEU A 450 3.02 22.14 -11.05
C LEU A 450 3.04 23.37 -11.96
#